data_5X2L
#
_entry.id   5X2L
#
_cell.length_a   80.120
_cell.length_b   112.590
_cell.length_c   88.000
_cell.angle_alpha   90.00
_cell.angle_beta   90.00
_cell.angle_gamma   90.00
#
_symmetry.space_group_name_H-M   'P 21 21 2'
#
loop_
_entity.id
_entity.type
_entity.pdbx_description
1 polymer 'Serine racemase'
2 non-polymer "PYRIDOXAL-5'-PHOSPHATE"
3 non-polymer 'MAGNESIUM ION'
4 water water
#
_entity_poly.entity_id   1
_entity_poly.type   'polypeptide(L)'
_entity_poly.pdbx_seq_one_letter_code
;MCAQYCISFADVEKAHINIRDSIHLTPVLTSSILNQLTGRNLFFKCELFQKTGSFKIRGALNAVRSLVPDALERKPKAVV
THSSGNHGQALTYAAKLEGIPAYIVVPQTAPDCKKLAIQAYGASIVYCEPSDESRENVAKRVTEETEGIMVHPNQEPAVI
AGQGTIALEVLNQVPLVDALVVPVGGGGMLAGIAITVKALKPSVKVYAAEPSNADDCYQSKLKGKLMPNLYPPETIADGV
KSSIGLNTWPIIRDLVDDIFTVTEDEIKCATQLVWERMKLLIEPTAGVGVAAVLSQHFQTVSPEVKNICIVLSGGNVDLT
SSITWVKQAERPASYQSVSVLEHHHHHH
;
_entity_poly.pdbx_strand_id   A,B
#
loop_
_chem_comp.id
_chem_comp.type
_chem_comp.name
_chem_comp.formula
MG non-polymer 'MAGNESIUM ION' 'Mg 2'
PLP non-polymer PYRIDOXAL-5'-PHOSPHATE 'C8 H10 N O6 P'
#
# COMPACT_ATOMS: atom_id res chain seq x y z
N ALA A 3 18.76 -0.77 -5.55
CA ALA A 3 19.58 -1.92 -5.22
C ALA A 3 18.74 -3.04 -4.61
N GLN A 4 17.57 -2.67 -4.10
CA GLN A 4 16.64 -3.64 -3.51
C GLN A 4 15.21 -3.28 -3.89
N TYR A 5 14.60 -4.14 -4.71
CA TYR A 5 13.29 -3.88 -5.29
C TYR A 5 12.21 -4.69 -4.57
N CYS A 6 11.00 -4.71 -5.12
CA CYS A 6 9.90 -5.38 -4.41
C CYS A 6 9.98 -6.89 -4.55
N ILE A 7 10.81 -7.36 -5.49
CA ILE A 7 11.13 -8.78 -5.59
C ILE A 7 12.62 -8.98 -5.86
N SER A 8 13.07 -10.22 -5.67
CA SER A 8 14.43 -10.63 -5.98
C SER A 8 14.35 -11.84 -6.89
N PHE A 9 15.48 -12.26 -7.44
CA PHE A 9 15.51 -13.49 -8.22
C PHE A 9 14.96 -14.68 -7.42
N ALA A 10 15.26 -14.73 -6.13
CA ALA A 10 14.83 -15.84 -5.28
C ALA A 10 13.31 -16.00 -5.28
N ASP A 11 12.60 -14.86 -5.31
CA ASP A 11 11.14 -14.88 -5.37
C ASP A 11 10.64 -15.43 -6.70
N VAL A 12 11.34 -15.13 -7.78
CA VAL A 12 10.99 -15.67 -9.09
C VAL A 12 11.15 -17.20 -9.11
N GLU A 13 12.28 -17.69 -8.60
CA GLU A 13 12.51 -19.12 -8.59
C GLU A 13 11.47 -19.82 -7.71
N LYS A 14 11.16 -19.24 -6.56
CA LYS A 14 10.14 -19.81 -5.68
C LYS A 14 8.78 -19.84 -6.38
N ALA A 15 8.49 -18.81 -7.16
CA ALA A 15 7.26 -18.78 -7.94
C ALA A 15 7.24 -19.89 -8.98
N HIS A 16 8.35 -20.09 -9.67
CA HIS A 16 8.43 -21.16 -10.68
C HIS A 16 8.11 -22.53 -10.05
N ILE A 17 8.79 -22.86 -8.97
CA ILE A 17 8.51 -24.12 -8.27
C ILE A 17 7.05 -24.18 -7.84
N ASN A 18 6.56 -23.04 -7.36
CA ASN A 18 5.19 -22.90 -6.86
C ASN A 18 4.11 -23.13 -7.93
N ILE A 19 4.42 -22.81 -9.18
CA ILE A 19 3.39 -22.84 -10.23
C ILE A 19 3.61 -23.86 -11.34
N ARG A 20 4.80 -24.47 -11.40
CA ARG A 20 5.17 -25.34 -12.53
C ARG A 20 4.20 -26.51 -12.81
N ASP A 21 3.62 -27.09 -11.77
CA ASP A 21 2.77 -28.26 -11.98
C ASP A 21 1.43 -27.90 -12.60
N SER A 22 1.16 -26.60 -12.72
CA SER A 22 -0.15 -26.16 -13.14
C SER A 22 -0.14 -25.21 -14.32
N ILE A 23 1.04 -24.97 -14.88
CA ILE A 23 1.14 -24.17 -16.09
C ILE A 23 1.84 -24.95 -17.19
N HIS A 24 1.84 -24.41 -18.39
CA HIS A 24 2.55 -25.03 -19.50
C HIS A 24 3.91 -24.39 -19.69
N LEU A 25 4.91 -25.23 -19.93
CA LEU A 25 6.20 -24.79 -20.41
C LEU A 25 6.01 -24.56 -21.89
N THR A 26 5.65 -23.34 -22.26
CA THR A 26 5.19 -23.08 -23.60
C THR A 26 6.37 -23.17 -24.55
N PRO A 27 6.11 -23.57 -25.80
CA PRO A 27 7.21 -23.74 -26.75
C PRO A 27 7.74 -22.40 -27.26
N VAL A 28 8.97 -22.48 -27.76
CA VAL A 28 9.59 -21.40 -28.50
C VAL A 28 9.59 -21.74 -29.98
N LEU A 29 8.96 -20.89 -30.79
CA LEU A 29 8.83 -21.13 -32.23
C LEU A 29 9.63 -20.13 -33.06
N THR A 30 9.79 -20.42 -34.35
CA THR A 30 10.57 -19.54 -35.23
C THR A 30 9.81 -19.24 -36.52
N SER A 31 10.31 -18.27 -37.28
CA SER A 31 9.67 -17.84 -38.52
C SER A 31 10.73 -17.31 -39.47
N SER A 32 11.00 -18.05 -40.54
CA SER A 32 12.05 -17.60 -41.46
C SER A 32 11.63 -16.32 -42.18
N ILE A 33 10.33 -16.13 -42.37
CA ILE A 33 9.81 -14.89 -42.96
C ILE A 33 10.18 -13.68 -42.08
N LEU A 34 9.91 -13.78 -40.78
CA LEU A 34 10.16 -12.67 -39.87
C LEU A 34 11.66 -12.49 -39.60
N ASN A 35 12.42 -13.57 -39.66
CA ASN A 35 13.88 -13.46 -39.65
C ASN A 35 14.36 -12.60 -40.82
N GLN A 36 13.82 -12.89 -42.00
CA GLN A 36 14.18 -12.18 -43.22
C GLN A 36 13.86 -10.69 -43.13
N LEU A 37 12.68 -10.37 -42.60
CA LEU A 37 12.25 -8.98 -42.54
C LEU A 37 13.08 -8.17 -41.54
N THR A 38 13.57 -8.82 -40.49
CA THR A 38 14.24 -8.08 -39.43
C THR A 38 15.76 -8.14 -39.52
N GLY A 39 16.28 -9.13 -40.23
CA GLY A 39 17.70 -9.36 -40.27
C GLY A 39 18.25 -9.95 -38.98
N ARG A 40 17.35 -10.40 -38.09
CA ARG A 40 17.73 -10.99 -36.81
C ARG A 40 17.34 -12.46 -36.76
N ASN A 41 17.81 -13.15 -35.72
CA ASN A 41 17.42 -14.52 -35.46
C ASN A 41 16.36 -14.51 -34.36
N LEU A 42 15.08 -14.62 -34.76
CA LEU A 42 13.98 -14.44 -33.81
C LEU A 42 13.54 -15.76 -33.20
N PHE A 43 13.15 -15.68 -31.94
CA PHE A 43 12.53 -16.79 -31.25
C PHE A 43 11.27 -16.29 -30.58
N PHE A 44 10.18 -17.05 -30.71
CA PHE A 44 8.91 -16.58 -30.22
C PHE A 44 8.45 -17.43 -29.05
N LYS A 45 8.48 -16.86 -27.87
CA LYS A 45 7.99 -17.52 -26.66
C LYS A 45 6.46 -17.48 -26.67
N CYS A 46 5.85 -18.65 -26.81
CA CYS A 46 4.41 -18.73 -27.10
C CYS A 46 3.50 -18.77 -25.88
N GLU A 47 3.45 -17.66 -25.14
CA GLU A 47 2.51 -17.62 -24.02
C GLU A 47 1.05 -17.51 -24.48
N LEU A 48 0.81 -17.36 -25.79
CA LEU A 48 -0.58 -17.42 -26.30
C LEU A 48 -1.15 -18.83 -26.10
N PHE A 49 -0.25 -19.82 -26.00
CA PHE A 49 -0.61 -21.22 -25.73
C PHE A 49 -0.80 -21.51 -24.24
N GLN A 50 -0.64 -20.51 -23.39
CA GLN A 50 -0.62 -20.72 -21.95
C GLN A 50 -2.04 -20.99 -21.47
N LYS A 51 -2.17 -21.68 -20.34
CA LYS A 51 -3.48 -21.83 -19.70
C LYS A 51 -4.11 -20.47 -19.50
N THR A 52 -5.41 -20.39 -19.76
CA THR A 52 -6.25 -19.18 -19.72
C THR A 52 -5.99 -18.23 -20.91
N GLY A 53 -5.04 -18.61 -21.75
CA GLY A 53 -4.78 -17.88 -22.99
C GLY A 53 -3.81 -16.72 -22.90
N SER A 54 -3.21 -16.54 -21.72
CA SER A 54 -2.13 -15.55 -21.58
C SER A 54 -1.15 -15.94 -20.47
N PHE A 55 0.00 -15.25 -20.43
CA PHE A 55 0.99 -15.48 -19.39
C PHE A 55 0.48 -15.20 -17.98
N LYS A 56 -0.62 -14.47 -17.88
CA LYS A 56 -1.09 -13.91 -16.61
C LYS A 56 -1.36 -14.97 -15.52
N ILE A 57 -1.57 -16.22 -15.92
CA ILE A 57 -1.82 -17.28 -14.95
C ILE A 57 -0.58 -17.48 -14.08
N ARG A 58 0.60 -17.14 -14.61
CA ARG A 58 1.84 -17.30 -13.84
C ARG A 58 1.77 -16.47 -12.57
N GLY A 59 1.56 -15.16 -12.74
CA GLY A 59 1.48 -14.26 -11.61
C GLY A 59 0.24 -14.51 -10.76
N ALA A 60 -0.88 -14.80 -11.42
CA ALA A 60 -2.14 -15.01 -10.70
C ALA A 60 -2.04 -16.23 -9.79
N LEU A 61 -1.54 -17.34 -10.31
CA LEU A 61 -1.43 -18.55 -9.52
C LEU A 61 -0.43 -18.36 -8.38
N ASN A 62 0.68 -17.66 -8.63
CA ASN A 62 1.65 -17.46 -7.57
C ASN A 62 1.09 -16.62 -6.44
N ALA A 63 0.24 -15.66 -6.77
CA ALA A 63 -0.38 -14.82 -5.75
C ALA A 63 -1.36 -15.65 -4.89
N VAL A 64 -2.09 -16.55 -5.52
CA VAL A 64 -3.09 -17.32 -4.80
C VAL A 64 -2.43 -18.38 -3.91
N ARG A 65 -1.36 -19.00 -4.41
CA ARG A 65 -0.66 -20.02 -3.64
C ARG A 65 0.30 -19.45 -2.58
N SER A 66 0.73 -18.21 -2.76
CA SER A 66 1.61 -17.58 -1.78
C SER A 66 0.82 -16.96 -0.64
N LYS A 77 -11.68 -17.65 2.45
CA LYS A 77 -10.98 -16.64 1.65
C LYS A 77 -11.49 -16.61 0.22
N ALA A 78 -10.97 -15.65 -0.53
CA ALA A 78 -11.44 -15.36 -1.88
C ALA A 78 -10.44 -14.42 -2.52
N VAL A 79 -10.52 -14.26 -3.82
CA VAL A 79 -9.67 -13.26 -4.48
C VAL A 79 -10.54 -12.28 -5.23
N VAL A 80 -10.06 -11.04 -5.36
CA VAL A 80 -10.85 -9.95 -5.93
C VAL A 80 -9.99 -9.14 -6.89
N THR A 81 -10.52 -8.79 -8.05
CA THR A 81 -9.85 -7.80 -8.89
C THR A 81 -10.87 -7.01 -9.71
N HIS A 82 -10.50 -5.81 -10.16
CA HIS A 82 -11.35 -5.10 -11.10
C HIS A 82 -10.65 -4.99 -12.46
N SER A 83 -9.62 -5.80 -12.64
CA SER A 83 -9.00 -6.00 -13.95
C SER A 83 -9.69 -7.21 -14.58
N SER A 84 -10.64 -6.95 -15.47
CA SER A 84 -11.59 -7.99 -15.87
C SER A 84 -11.20 -8.72 -17.15
N GLY A 85 -10.08 -8.32 -17.76
CA GLY A 85 -9.59 -8.99 -18.95
C GLY A 85 -8.71 -10.18 -18.62
N ASN A 86 -7.53 -10.26 -19.23
CA ASN A 86 -6.67 -11.44 -19.07
C ASN A 86 -6.30 -11.71 -17.63
N HIS A 87 -6.18 -10.66 -16.81
CA HIS A 87 -5.85 -10.88 -15.41
C HIS A 87 -7.04 -11.52 -14.65
N GLY A 88 -8.24 -10.97 -14.84
CA GLY A 88 -9.41 -11.55 -14.21
C GLY A 88 -9.63 -12.99 -14.62
N GLN A 89 -9.45 -13.26 -15.91
CA GLN A 89 -9.57 -14.61 -16.43
C GLN A 89 -8.54 -15.55 -15.80
N ALA A 90 -7.31 -15.10 -15.72
CA ALA A 90 -6.24 -15.89 -15.11
C ALA A 90 -6.52 -16.08 -13.61
N LEU A 91 -6.93 -15.00 -12.95
CA LEU A 91 -7.16 -15.05 -11.51
C LEU A 91 -8.28 -16.01 -11.16
N THR A 92 -9.31 -16.04 -12.00
CA THR A 92 -10.46 -16.92 -11.75
C THR A 92 -10.06 -18.40 -11.87
N TYR A 93 -9.24 -18.70 -12.88
CA TYR A 93 -8.73 -20.05 -13.01
C TYR A 93 -7.86 -20.44 -11.81
N ALA A 94 -6.96 -19.55 -11.40
CA ALA A 94 -6.12 -19.80 -10.22
C ALA A 94 -6.96 -20.07 -8.96
N ALA A 95 -7.99 -19.26 -8.77
CA ALA A 95 -8.90 -19.39 -7.63
C ALA A 95 -9.59 -20.75 -7.64
N LYS A 96 -10.01 -21.17 -8.82
CA LYS A 96 -10.73 -22.42 -8.95
C LYS A 96 -9.80 -23.61 -8.66
N LEU A 97 -8.55 -23.53 -9.11
CA LEU A 97 -7.55 -24.55 -8.78
C LEU A 97 -7.37 -24.68 -7.27
N GLU A 98 -7.54 -23.56 -6.57
CA GLU A 98 -7.31 -23.50 -5.14
C GLU A 98 -8.61 -23.61 -4.33
N GLY A 99 -9.72 -23.80 -5.02
CA GLY A 99 -11.00 -24.08 -4.36
C GLY A 99 -11.67 -22.87 -3.72
N ILE A 100 -11.37 -21.68 -4.24
CA ILE A 100 -11.94 -20.47 -3.67
C ILE A 100 -12.61 -19.64 -4.77
N PRO A 101 -13.63 -18.85 -4.40
CA PRO A 101 -14.31 -17.99 -5.37
C PRO A 101 -13.43 -16.84 -5.82
N ALA A 102 -13.65 -16.36 -7.03
CA ALA A 102 -12.98 -15.15 -7.52
C ALA A 102 -14.03 -14.12 -7.87
N TYR A 103 -13.90 -12.93 -7.31
CA TYR A 103 -14.89 -11.89 -7.56
C TYR A 103 -14.29 -10.84 -8.47
N ILE A 104 -14.94 -10.61 -9.61
CA ILE A 104 -14.48 -9.61 -10.56
C ILE A 104 -15.42 -8.42 -10.51
N VAL A 105 -14.85 -7.25 -10.25
CA VAL A 105 -15.64 -6.03 -10.18
C VAL A 105 -15.70 -5.41 -11.58
N VAL A 106 -16.93 -5.20 -12.05
CA VAL A 106 -17.23 -4.77 -13.40
C VAL A 106 -18.19 -3.58 -13.35
N PRO A 107 -17.94 -2.53 -14.16
CA PRO A 107 -18.93 -1.46 -14.14
C PRO A 107 -20.28 -1.94 -14.68
N GLN A 108 -21.39 -1.41 -14.16
CA GLN A 108 -22.74 -1.81 -14.59
C GLN A 108 -22.92 -1.51 -16.08
N THR A 109 -22.35 -0.39 -16.51
CA THR A 109 -22.50 0.08 -17.88
C THR A 109 -21.72 -0.74 -18.90
N ALA A 110 -20.96 -1.72 -18.45
CA ALA A 110 -20.21 -2.58 -19.39
C ALA A 110 -21.17 -3.28 -20.33
N PRO A 111 -20.75 -3.48 -21.59
CA PRO A 111 -21.57 -4.17 -22.60
C PRO A 111 -21.97 -5.57 -22.15
N ASP A 112 -23.18 -6.00 -22.52
CA ASP A 112 -23.67 -7.33 -22.18
C ASP A 112 -22.72 -8.43 -22.61
N CYS A 113 -22.14 -8.26 -23.80
CA CYS A 113 -21.21 -9.25 -24.34
C CYS A 113 -20.02 -9.42 -23.43
N LYS A 114 -19.57 -8.31 -22.85
CA LYS A 114 -18.42 -8.34 -21.97
C LYS A 114 -18.80 -8.93 -20.61
N LYS A 115 -19.99 -8.62 -20.12
CA LYS A 115 -20.47 -9.24 -18.89
C LYS A 115 -20.59 -10.74 -19.05
N LEU A 116 -21.14 -11.17 -20.20
CA LEU A 116 -21.31 -12.60 -20.48
C LEU A 116 -19.96 -13.31 -20.61
N ALA A 117 -18.99 -12.63 -21.21
CA ALA A 117 -17.65 -13.19 -21.38
C ALA A 117 -16.97 -13.38 -20.02
N ILE A 118 -17.19 -12.45 -19.11
CA ILE A 118 -16.58 -12.53 -17.78
C ILE A 118 -17.27 -13.63 -16.97
N GLN A 119 -18.60 -13.72 -17.09
CA GLN A 119 -19.31 -14.81 -16.45
C GLN A 119 -18.85 -16.16 -17.01
N ALA A 120 -18.65 -16.21 -18.31
CA ALA A 120 -18.31 -17.45 -19.00
C ALA A 120 -16.95 -18.01 -18.59
N TYR A 121 -16.03 -17.17 -18.11
CA TYR A 121 -14.78 -17.75 -17.69
C TYR A 121 -14.77 -18.06 -16.20
N GLY A 122 -15.91 -17.91 -15.55
CA GLY A 122 -16.13 -18.49 -14.23
C GLY A 122 -16.18 -17.52 -13.07
N ALA A 123 -16.22 -16.23 -13.38
CA ALA A 123 -16.21 -15.19 -12.37
C ALA A 123 -17.57 -14.99 -11.69
N SER A 124 -17.53 -14.64 -10.40
CA SER A 124 -18.68 -14.04 -9.74
C SER A 124 -18.56 -12.52 -9.83
N ILE A 125 -19.52 -11.91 -10.54
CA ILE A 125 -19.44 -10.49 -10.88
C ILE A 125 -20.07 -9.61 -9.82
N VAL A 126 -19.39 -8.52 -9.48
CA VAL A 126 -19.95 -7.49 -8.63
C VAL A 126 -19.87 -6.18 -9.43
N TYR A 127 -20.95 -5.42 -9.44
CA TYR A 127 -21.02 -4.18 -10.21
C TYR A 127 -20.46 -2.96 -9.49
N CYS A 128 -19.94 -2.03 -10.28
CA CYS A 128 -19.50 -0.73 -9.80
C CYS A 128 -19.91 0.32 -10.82
N GLU A 129 -19.56 1.57 -10.59
CA GLU A 129 -19.80 2.63 -11.57
C GLU A 129 -18.51 2.75 -12.40
N PRO A 130 -18.59 3.34 -13.61
CA PRO A 130 -17.45 3.32 -14.54
C PRO A 130 -16.36 4.34 -14.19
N SER A 131 -15.88 4.33 -12.97
CA SER A 131 -14.78 5.20 -12.58
C SER A 131 -13.74 4.39 -11.85
N ASP A 132 -12.50 4.84 -11.92
CA ASP A 132 -11.42 4.21 -11.18
C ASP A 132 -11.76 4.21 -9.69
N GLU A 133 -12.31 5.34 -9.25
CA GLU A 133 -12.79 5.52 -7.89
C GLU A 133 -13.68 4.37 -7.45
N SER A 134 -14.76 4.18 -8.20
CA SER A 134 -15.76 3.17 -7.89
C SER A 134 -15.20 1.75 -7.99
N ARG A 135 -14.35 1.52 -9.00
CA ARG A 135 -13.74 0.20 -9.17
C ARG A 135 -12.96 -0.21 -7.93
N GLU A 136 -12.14 0.70 -7.42
CA GLU A 136 -11.29 0.41 -6.26
C GLU A 136 -12.10 0.20 -4.98
N ASN A 137 -13.08 1.07 -4.74
CA ASN A 137 -13.81 1.03 -3.48
C ASN A 137 -14.79 -0.15 -3.42
N VAL A 138 -15.45 -0.44 -4.53
CA VAL A 138 -16.29 -1.63 -4.62
C VAL A 138 -15.42 -2.88 -4.46
N ALA A 139 -14.27 -2.91 -5.14
CA ALA A 139 -13.34 -4.01 -4.98
C ALA A 139 -12.91 -4.17 -3.52
N LYS A 140 -12.65 -3.05 -2.86
CA LYS A 140 -12.24 -3.07 -1.45
C LYS A 140 -13.38 -3.57 -0.56
N ARG A 141 -14.61 -3.14 -0.85
CA ARG A 141 -15.76 -3.60 -0.07
C ARG A 141 -15.98 -5.10 -0.21
N VAL A 142 -15.88 -5.60 -1.43
CA VAL A 142 -16.03 -7.03 -1.69
C VAL A 142 -14.96 -7.80 -0.93
N THR A 143 -13.76 -7.22 -0.86
CA THR A 143 -12.64 -7.85 -0.18
C THR A 143 -12.89 -7.97 1.32
N GLU A 144 -13.40 -6.90 1.95
CA GLU A 144 -13.65 -6.96 3.39
C GLU A 144 -14.81 -7.91 3.71
N GLU A 145 -15.84 -7.90 2.88
CA GLU A 145 -17.03 -8.71 3.13
C GLU A 145 -16.79 -10.22 2.92
N THR A 146 -15.81 -10.57 2.09
CA THR A 146 -15.54 -11.97 1.81
C THR A 146 -14.29 -12.47 2.53
N GLU A 147 -13.70 -11.59 3.34
CA GLU A 147 -12.43 -11.87 4.00
C GLU A 147 -11.41 -12.39 2.98
N GLY A 148 -11.31 -11.71 1.86
CA GLY A 148 -10.46 -12.16 0.78
C GLY A 148 -9.27 -11.25 0.57
N ILE A 149 -8.63 -11.37 -0.57
CA ILE A 149 -7.53 -10.49 -0.90
C ILE A 149 -7.68 -9.93 -2.32
N MET A 150 -7.30 -8.68 -2.50
CA MET A 150 -7.22 -8.13 -3.83
C MET A 150 -5.88 -8.49 -4.43
N VAL A 151 -5.92 -8.98 -5.67
CA VAL A 151 -4.71 -9.31 -6.41
C VAL A 151 -4.59 -8.34 -7.57
N HIS A 152 -3.66 -7.41 -7.46
CA HIS A 152 -3.45 -6.40 -8.50
C HIS A 152 -2.85 -7.05 -9.77
N PRO A 153 -3.22 -6.52 -10.96
CA PRO A 153 -2.76 -7.17 -12.19
C PRO A 153 -1.28 -6.99 -12.51
N ASN A 154 -0.60 -6.02 -11.92
CA ASN A 154 0.81 -5.83 -12.27
C ASN A 154 1.73 -5.28 -11.17
N GLN A 155 1.18 -4.77 -10.07
CA GLN A 155 1.99 -4.14 -9.03
C GLN A 155 2.19 -5.02 -7.80
N GLU A 156 1.40 -6.09 -7.70
CA GLU A 156 1.53 -7.03 -6.58
C GLU A 156 2.83 -7.84 -6.73
N PRO A 157 3.71 -7.79 -5.73
CA PRO A 157 5.01 -8.46 -5.89
C PRO A 157 4.90 -9.95 -6.22
N ALA A 158 3.95 -10.66 -5.62
CA ALA A 158 3.77 -12.07 -5.94
C ALA A 158 3.40 -12.26 -7.40
N VAL A 159 2.72 -11.28 -7.97
CA VAL A 159 2.30 -11.37 -9.36
C VAL A 159 3.51 -11.11 -10.27
N ILE A 160 4.26 -10.08 -9.92
CA ILE A 160 5.49 -9.72 -10.65
C ILE A 160 6.45 -10.90 -10.64
N ALA A 161 6.61 -11.55 -9.49
CA ALA A 161 7.53 -12.67 -9.38
C ALA A 161 7.09 -13.81 -10.28
N GLY A 162 5.77 -14.01 -10.37
CA GLY A 162 5.21 -15.03 -11.22
C GLY A 162 5.49 -14.81 -12.70
N GLN A 163 5.26 -13.58 -13.17
CA GLN A 163 5.48 -13.28 -14.58
C GLN A 163 6.96 -13.46 -14.94
N GLY A 164 7.83 -13.20 -13.96
CA GLY A 164 9.27 -13.33 -14.17
C GLY A 164 9.69 -14.73 -14.61
N THR A 165 8.87 -15.73 -14.29
CA THR A 165 9.23 -17.11 -14.61
C THR A 165 9.29 -17.34 -16.11
N ILE A 166 8.65 -16.47 -16.88
CA ILE A 166 8.82 -16.51 -18.34
C ILE A 166 10.30 -16.48 -18.71
N ALA A 167 11.05 -15.63 -18.03
CA ALA A 167 12.48 -15.47 -18.31
C ALA A 167 13.30 -16.71 -17.95
N LEU A 168 12.88 -17.42 -16.91
CA LEU A 168 13.55 -18.66 -16.55
C LEU A 168 13.49 -19.65 -17.69
N GLU A 169 12.29 -19.79 -18.28
CA GLU A 169 12.10 -20.74 -19.35
C GLU A 169 12.84 -20.29 -20.62
N VAL A 170 12.71 -19.02 -20.97
CA VAL A 170 13.38 -18.53 -22.16
C VAL A 170 14.90 -18.75 -22.11
N LEU A 171 15.52 -18.39 -20.99
CA LEU A 171 16.97 -18.56 -20.84
C LEU A 171 17.38 -20.03 -20.96
N ASN A 172 16.50 -20.91 -20.50
CA ASN A 172 16.76 -22.34 -20.64
C ASN A 172 16.53 -22.84 -22.05
N GLN A 173 15.43 -22.38 -22.68
CA GLN A 173 15.03 -22.85 -24.00
C GLN A 173 15.86 -22.28 -25.14
N VAL A 174 16.39 -21.07 -24.94
CA VAL A 174 17.23 -20.41 -25.93
C VAL A 174 18.55 -20.03 -25.28
N PRO A 175 19.47 -21.01 -25.13
CA PRO A 175 20.71 -20.80 -24.39
C PRO A 175 21.56 -19.64 -24.92
N LEU A 176 21.50 -19.39 -26.22
CA LEU A 176 22.32 -18.35 -26.85
C LEU A 176 21.55 -17.05 -27.08
N VAL A 177 20.45 -16.83 -26.35
CA VAL A 177 19.64 -15.62 -26.52
C VAL A 177 20.44 -14.36 -26.16
N ASP A 178 20.25 -13.31 -26.95
CA ASP A 178 20.96 -12.04 -26.80
C ASP A 178 20.07 -10.95 -26.21
N ALA A 179 18.78 -11.08 -26.45
CA ALA A 179 17.81 -10.08 -25.98
C ALA A 179 16.43 -10.69 -25.85
N LEU A 180 15.65 -10.15 -24.93
CA LEU A 180 14.23 -10.47 -24.84
C LEU A 180 13.47 -9.18 -25.13
N VAL A 181 12.37 -9.30 -25.86
CA VAL A 181 11.53 -8.14 -26.20
C VAL A 181 10.15 -8.41 -25.60
N VAL A 182 9.69 -7.48 -24.77
CA VAL A 182 8.54 -7.71 -23.90
C VAL A 182 7.52 -6.59 -24.01
N PRO A 183 6.25 -6.90 -24.35
CA PRO A 183 5.23 -5.85 -24.29
C PRO A 183 5.10 -5.30 -22.87
N VAL A 184 4.93 -3.99 -22.74
CA VAL A 184 4.77 -3.43 -21.41
C VAL A 184 3.45 -2.66 -21.26
N GLY A 185 2.71 -3.05 -20.23
CA GLY A 185 1.51 -2.33 -19.82
C GLY A 185 1.77 -1.80 -18.42
N GLY A 186 1.34 -2.57 -17.42
CA GLY A 186 1.62 -2.19 -16.05
C GLY A 186 3.07 -2.45 -15.69
N GLY A 187 3.73 -3.28 -16.51
CA GLY A 187 5.14 -3.58 -16.34
C GLY A 187 5.40 -4.72 -15.38
N GLY A 188 4.36 -5.48 -15.02
CA GLY A 188 4.53 -6.64 -14.18
C GLY A 188 5.40 -7.66 -14.87
N MET A 189 5.07 -7.94 -16.14
CA MET A 189 5.82 -8.92 -16.91
C MET A 189 7.22 -8.41 -17.17
N LEU A 190 7.32 -7.15 -17.59
CA LEU A 190 8.62 -6.54 -17.85
C LEU A 190 9.54 -6.55 -16.62
N ALA A 191 9.02 -6.11 -15.48
CA ALA A 191 9.82 -6.03 -14.26
C ALA A 191 10.25 -7.40 -13.75
N GLY A 192 9.34 -8.37 -13.81
CA GLY A 192 9.65 -9.74 -13.40
C GLY A 192 10.77 -10.30 -14.24
N ILE A 193 10.63 -10.12 -15.55
CA ILE A 193 11.63 -10.59 -16.50
C ILE A 193 12.97 -9.87 -16.31
N ALA A 194 12.93 -8.57 -16.12
CA ALA A 194 14.18 -7.80 -15.95
C ALA A 194 14.94 -8.27 -14.71
N ILE A 195 14.21 -8.48 -13.62
CA ILE A 195 14.81 -8.95 -12.39
C ILE A 195 15.53 -10.30 -12.59
N THR A 196 14.90 -11.18 -13.38
CA THR A 196 15.42 -12.53 -13.61
C THR A 196 16.64 -12.55 -14.53
N VAL A 197 16.51 -11.92 -15.69
CA VAL A 197 17.61 -11.84 -16.64
C VAL A 197 18.84 -11.15 -16.06
N LYS A 198 18.65 -10.04 -15.36
CA LYS A 198 19.80 -9.29 -14.86
C LYS A 198 20.42 -9.97 -13.64
N ALA A 199 19.65 -10.82 -12.97
CA ALA A 199 20.24 -11.62 -11.90
C ALA A 199 21.07 -12.78 -12.47
N LEU A 200 20.58 -13.38 -13.55
CA LEU A 200 21.19 -14.61 -14.07
C LEU A 200 22.21 -14.37 -15.17
N LYS A 201 21.87 -13.49 -16.11
CA LYS A 201 22.78 -13.22 -17.22
C LYS A 201 22.61 -11.80 -17.74
N PRO A 202 23.18 -10.83 -17.03
CA PRO A 202 22.96 -9.40 -17.32
C PRO A 202 23.47 -8.94 -18.69
N SER A 203 24.31 -9.74 -19.34
CA SER A 203 24.77 -9.45 -20.70
C SER A 203 23.64 -9.59 -21.72
N VAL A 204 22.57 -10.29 -21.35
CA VAL A 204 21.37 -10.39 -22.19
C VAL A 204 20.55 -9.11 -22.06
N LYS A 205 20.13 -8.53 -23.19
CA LYS A 205 19.35 -7.30 -23.18
C LYS A 205 17.88 -7.57 -22.83
N VAL A 206 17.27 -6.61 -22.14
CA VAL A 206 15.84 -6.65 -21.85
C VAL A 206 15.25 -5.41 -22.49
N TYR A 207 14.41 -5.62 -23.49
CA TYR A 207 13.79 -4.52 -24.22
C TYR A 207 12.31 -4.55 -23.97
N ALA A 208 11.72 -3.38 -23.76
CA ALA A 208 10.27 -3.28 -23.70
C ALA A 208 9.73 -2.77 -25.03
N ALA A 209 8.49 -3.13 -25.29
CA ALA A 209 7.78 -2.71 -26.49
C ALA A 209 6.46 -2.08 -26.05
N GLU A 210 6.17 -0.89 -26.55
CA GLU A 210 5.04 -0.09 -26.07
C GLU A 210 4.33 0.66 -27.20
N PRO A 211 2.98 0.77 -27.13
CA PRO A 211 2.27 1.62 -28.10
C PRO A 211 2.63 3.08 -27.91
N SER A 212 2.91 3.79 -29.01
CA SER A 212 3.06 5.24 -29.00
C SER A 212 1.85 5.91 -28.34
N ASN A 213 0.67 5.32 -28.51
CA ASN A 213 -0.57 5.83 -27.93
C ASN A 213 -0.72 5.61 -26.43
N ALA A 214 0.26 4.94 -25.83
CA ALA A 214 0.20 4.63 -24.41
C ALA A 214 1.62 4.57 -23.85
N ASP A 215 2.39 5.62 -24.12
CA ASP A 215 3.85 5.56 -23.99
C ASP A 215 4.40 6.10 -22.67
N ASP A 216 3.64 5.90 -21.60
CA ASP A 216 4.06 6.28 -20.25
C ASP A 216 5.41 5.67 -19.84
N CYS A 217 5.65 4.41 -20.22
CA CYS A 217 6.86 3.72 -19.79
C CYS A 217 8.07 4.36 -20.47
N TYR A 218 7.96 4.55 -21.77
CA TYR A 218 8.95 5.23 -22.56
C TYR A 218 9.26 6.63 -21.98
N GLN A 219 8.22 7.43 -21.75
CA GLN A 219 8.42 8.79 -21.26
C GLN A 219 9.03 8.81 -19.86
N SER A 220 8.63 7.84 -19.05
CA SER A 220 9.16 7.71 -17.69
C SER A 220 10.67 7.50 -17.70
N LYS A 221 11.11 6.58 -18.55
CA LYS A 221 12.51 6.23 -18.62
C LYS A 221 13.33 7.38 -19.19
N LEU A 222 12.73 8.11 -20.12
CA LEU A 222 13.35 9.32 -20.66
C LEU A 222 13.55 10.41 -19.61
N LYS A 223 12.50 10.68 -18.84
CA LYS A 223 12.53 11.79 -17.90
C LYS A 223 13.18 11.39 -16.58
N GLY A 224 13.31 10.09 -16.35
CA GLY A 224 13.94 9.60 -15.14
C GLY A 224 13.00 9.57 -13.93
N LYS A 225 11.70 9.63 -14.19
CA LYS A 225 10.71 9.62 -13.13
C LYS A 225 9.41 9.01 -13.63
N LEU A 226 8.65 8.43 -12.71
CA LEU A 226 7.37 7.82 -13.06
C LEU A 226 6.40 8.85 -13.65
N MET A 227 6.04 8.64 -14.92
CA MET A 227 5.15 9.54 -15.64
C MET A 227 3.97 8.79 -16.22
N PRO A 228 2.92 8.57 -15.40
CA PRO A 228 1.76 7.80 -15.87
C PRO A 228 1.02 8.51 -17.00
N ASN A 229 0.35 7.76 -17.87
CA ASN A 229 -0.56 8.33 -18.86
C ASN A 229 -1.56 9.30 -18.22
N LEU A 230 -1.69 10.50 -18.79
CA LEU A 230 -2.57 11.52 -18.21
C LEU A 230 -4.03 11.19 -18.47
N TYR A 231 -4.29 10.56 -19.61
CA TYR A 231 -5.64 10.20 -20.01
C TYR A 231 -5.70 8.72 -20.37
N PRO A 232 -6.90 8.12 -20.27
CA PRO A 232 -7.11 6.74 -20.71
C PRO A 232 -6.67 6.54 -22.15
N PRO A 233 -5.63 5.72 -22.37
CA PRO A 233 -5.06 5.52 -23.71
C PRO A 233 -6.05 4.92 -24.70
N GLU A 234 -6.04 5.41 -25.93
CA GLU A 234 -6.78 4.78 -27.00
C GLU A 234 -5.83 3.96 -27.86
N THR A 235 -5.97 2.63 -27.80
CA THR A 235 -5.11 1.73 -28.54
C THR A 235 -5.78 0.36 -28.74
N ILE A 236 -5.45 -0.30 -29.84
CA ILE A 236 -5.98 -1.62 -30.13
C ILE A 236 -5.30 -2.66 -29.25
N ALA A 237 -4.19 -2.27 -28.65
CA ALA A 237 -3.47 -3.16 -27.73
C ALA A 237 -4.08 -3.03 -26.33
N ASP A 238 -5.28 -3.58 -26.15
CA ASP A 238 -6.05 -3.46 -24.90
C ASP A 238 -5.29 -3.83 -23.61
N GLY A 239 -4.41 -4.81 -23.70
CA GLY A 239 -3.68 -5.30 -22.54
C GLY A 239 -2.58 -4.41 -22.02
N VAL A 240 -2.23 -3.36 -22.74
CA VAL A 240 -1.16 -2.50 -22.25
C VAL A 240 -1.61 -1.04 -22.11
N LYS A 241 -2.88 -0.85 -21.76
CA LYS A 241 -3.42 0.48 -21.50
C LYS A 241 -3.06 0.96 -20.09
N SER A 242 -2.85 0.04 -19.18
CA SER A 242 -2.39 0.39 -17.83
C SER A 242 -1.05 1.13 -17.87
N SER A 243 -0.88 2.08 -16.95
CA SER A 243 0.43 2.70 -16.76
C SER A 243 1.29 1.83 -15.87
N ILE A 244 2.61 2.05 -15.92
CA ILE A 244 3.50 1.39 -14.97
C ILE A 244 3.27 2.02 -13.61
N GLY A 245 3.68 1.32 -12.54
CA GLY A 245 3.36 1.76 -11.20
C GLY A 245 4.53 1.87 -10.26
N LEU A 246 4.22 2.08 -8.98
CA LEU A 246 5.23 2.37 -7.98
C LEU A 246 6.19 1.21 -7.72
N ASN A 247 5.72 -0.03 -7.89
CA ASN A 247 6.57 -1.19 -7.69
C ASN A 247 7.37 -1.59 -8.95
N THR A 248 6.78 -1.44 -10.12
CA THR A 248 7.45 -1.89 -11.33
C THR A 248 8.40 -0.82 -11.91
N TRP A 249 8.08 0.46 -11.70
CA TRP A 249 8.93 1.53 -12.24
C TRP A 249 10.41 1.47 -11.81
N PRO A 250 10.69 1.29 -10.50
CA PRO A 250 12.11 1.32 -10.14
C PRO A 250 12.92 0.19 -10.80
N ILE A 251 12.30 -0.97 -10.99
CA ILE A 251 12.97 -2.07 -11.67
C ILE A 251 13.21 -1.73 -13.14
N ILE A 252 12.17 -1.19 -13.77
CA ILE A 252 12.24 -0.81 -15.17
C ILE A 252 13.28 0.30 -15.35
N ARG A 253 13.32 1.23 -14.39
CA ARG A 253 14.27 2.35 -14.43
C ARG A 253 15.73 1.89 -14.43
N ASP A 254 16.02 0.84 -13.66
CA ASP A 254 17.40 0.43 -13.44
C ASP A 254 17.81 -0.80 -14.25
N LEU A 255 16.85 -1.66 -14.60
CA LEU A 255 17.22 -2.96 -15.16
C LEU A 255 16.76 -3.20 -16.58
N VAL A 256 16.02 -2.27 -17.17
CA VAL A 256 15.58 -2.44 -18.56
C VAL A 256 16.48 -1.63 -19.49
N ASP A 257 16.98 -2.25 -20.57
CA ASP A 257 17.96 -1.56 -21.42
C ASP A 257 17.38 -0.51 -22.37
N ASP A 258 16.18 -0.74 -22.89
CA ASP A 258 15.58 0.21 -23.82
C ASP A 258 14.09 -0.07 -23.97
N ILE A 259 13.35 0.96 -24.34
CA ILE A 259 11.91 0.91 -24.63
C ILE A 259 11.70 1.41 -26.06
N PHE A 260 11.05 0.59 -26.88
CA PHE A 260 10.73 0.95 -28.26
C PHE A 260 9.23 1.17 -28.42
N THR A 261 8.83 2.35 -28.90
CA THR A 261 7.42 2.61 -29.14
C THR A 261 7.00 2.23 -30.56
N VAL A 262 5.73 1.89 -30.72
CA VAL A 262 5.19 1.52 -32.01
C VAL A 262 3.83 2.20 -32.22
N THR A 263 3.55 2.56 -33.46
CA THR A 263 2.28 3.17 -33.80
C THR A 263 1.17 2.15 -33.85
N GLU A 264 -0.06 2.67 -33.87
CA GLU A 264 -1.23 1.83 -34.00
C GLU A 264 -1.17 1.03 -35.28
N ASP A 265 -0.77 1.69 -36.36
CA ASP A 265 -0.61 1.03 -37.65
C ASP A 265 0.45 -0.08 -37.61
N GLU A 266 1.56 0.16 -36.93
CA GLU A 266 2.61 -0.87 -36.82
C GLU A 266 2.10 -2.10 -36.08
N ILE A 267 1.37 -1.87 -35.01
CA ILE A 267 0.77 -2.95 -34.22
C ILE A 267 -0.19 -3.80 -35.05
N LYS A 268 -1.08 -3.14 -35.78
CA LYS A 268 -2.01 -3.81 -36.67
C LYS A 268 -1.29 -4.64 -37.73
N CYS A 269 -0.28 -4.06 -38.37
CA CYS A 269 0.40 -4.76 -39.46
C CYS A 269 1.16 -5.97 -38.92
N ALA A 270 1.82 -5.80 -37.78
CA ALA A 270 2.56 -6.90 -37.16
C ALA A 270 1.61 -8.04 -36.76
N THR A 271 0.46 -7.69 -36.21
CA THR A 271 -0.49 -8.70 -35.77
C THR A 271 -1.00 -9.50 -36.96
N GLN A 272 -1.37 -8.83 -38.04
CA GLN A 272 -1.79 -9.54 -39.25
C GLN A 272 -0.63 -10.37 -39.83
N LEU A 273 0.60 -9.87 -39.73
CA LEU A 273 1.76 -10.62 -40.21
C LEU A 273 1.86 -11.96 -39.47
N VAL A 274 1.73 -11.90 -38.16
CA VAL A 274 1.78 -13.12 -37.34
C VAL A 274 0.64 -14.09 -37.66
N TRP A 275 -0.59 -13.59 -37.75
CA TRP A 275 -1.74 -14.40 -38.17
C TRP A 275 -1.51 -15.06 -39.53
N GLU A 276 -1.19 -14.23 -40.54
CA GLU A 276 -1.11 -14.69 -41.92
C GLU A 276 0.13 -15.54 -42.19
N ARG A 277 1.26 -15.16 -41.61
CA ARG A 277 2.51 -15.79 -42.01
C ARG A 277 3.01 -16.81 -40.98
N MET A 278 2.60 -16.65 -39.72
CA MET A 278 3.00 -17.63 -38.71
C MET A 278 1.84 -18.54 -38.33
N LYS A 279 0.63 -18.14 -38.71
CA LYS A 279 -0.59 -18.92 -38.40
C LYS A 279 -0.83 -19.03 -36.90
N LEU A 280 -0.32 -18.07 -36.13
CA LEU A 280 -0.58 -18.03 -34.69
C LEU A 280 -1.64 -16.98 -34.36
N LEU A 281 -2.65 -17.38 -33.61
CA LEU A 281 -3.77 -16.50 -33.27
C LEU A 281 -3.47 -15.65 -32.06
N ILE A 282 -2.53 -14.73 -32.19
CA ILE A 282 -2.20 -13.82 -31.11
C ILE A 282 -3.27 -12.77 -31.00
N GLU A 283 -3.39 -12.18 -29.83
CA GLU A 283 -4.21 -10.99 -29.70
C GLU A 283 -3.31 -9.80 -30.06
N PRO A 284 -3.93 -8.67 -30.42
CA PRO A 284 -3.15 -7.51 -30.90
C PRO A 284 -2.11 -6.99 -29.89
N THR A 285 -2.40 -7.12 -28.60
CA THR A 285 -1.41 -6.72 -27.59
C THR A 285 -0.13 -7.53 -27.75
N ALA A 286 -0.29 -8.78 -28.14
CA ALA A 286 0.87 -9.64 -28.38
C ALA A 286 1.62 -9.23 -29.64
N GLY A 287 0.97 -8.46 -30.50
CA GLY A 287 1.62 -8.00 -31.71
C GLY A 287 2.63 -6.89 -31.44
N VAL A 288 2.56 -6.30 -30.25
CA VAL A 288 3.34 -5.11 -29.93
C VAL A 288 4.85 -5.39 -29.91
N GLY A 289 5.24 -6.53 -29.34
CA GLY A 289 6.65 -6.90 -29.33
C GLY A 289 7.16 -7.14 -30.74
N VAL A 290 6.34 -7.80 -31.55
CA VAL A 290 6.70 -8.04 -32.95
C VAL A 290 6.85 -6.72 -33.71
N ALA A 291 5.90 -5.81 -33.53
CA ALA A 291 5.99 -4.48 -34.14
C ALA A 291 7.28 -3.79 -33.73
N ALA A 292 7.69 -3.93 -32.45
CA ALA A 292 8.90 -3.27 -31.98
C ALA A 292 10.13 -3.70 -32.75
N VAL A 293 10.30 -5.00 -32.96
CA VAL A 293 11.51 -5.50 -33.63
C VAL A 293 11.50 -5.16 -35.12
N LEU A 294 10.31 -4.97 -35.68
CA LEU A 294 10.16 -4.52 -37.05
C LEU A 294 10.29 -3.00 -37.21
N SER A 295 10.26 -2.26 -36.11
CA SER A 295 10.22 -0.79 -36.18
C SER A 295 11.54 -0.19 -36.64
N GLN A 296 11.48 1.02 -37.18
CA GLN A 296 12.67 1.66 -37.71
C GLN A 296 13.74 1.83 -36.65
N HIS A 297 13.37 2.26 -35.45
CA HIS A 297 14.37 2.52 -34.42
C HIS A 297 15.07 1.26 -33.89
N PHE A 298 14.45 0.09 -34.03
CA PHE A 298 15.13 -1.14 -33.58
C PHE A 298 16.37 -1.43 -34.42
N GLN A 299 16.47 -0.81 -35.59
CA GLN A 299 17.66 -1.01 -36.42
C GLN A 299 18.89 -0.36 -35.77
N THR A 300 18.70 0.45 -34.73
CA THR A 300 19.83 1.00 -33.97
C THR A 300 20.37 0.01 -32.94
N VAL A 301 19.68 -1.10 -32.74
CA VAL A 301 20.24 -2.12 -31.86
C VAL A 301 21.45 -2.76 -32.53
N SER A 302 22.55 -2.84 -31.78
CA SER A 302 23.79 -3.45 -32.28
C SER A 302 23.57 -4.75 -33.04
N PRO A 303 24.29 -4.92 -34.16
CA PRO A 303 24.22 -6.15 -34.97
C PRO A 303 24.64 -7.38 -34.18
N GLU A 304 25.36 -7.18 -33.07
CA GLU A 304 25.80 -8.28 -32.23
C GLU A 304 24.65 -8.85 -31.43
N VAL A 305 23.55 -8.08 -31.31
CA VAL A 305 22.35 -8.59 -30.69
C VAL A 305 21.55 -9.34 -31.75
N LYS A 306 21.87 -10.61 -31.94
CA LYS A 306 21.36 -11.38 -33.08
C LYS A 306 20.18 -12.24 -32.69
N ASN A 307 20.33 -12.97 -31.59
CA ASN A 307 19.32 -13.89 -31.10
C ASN A 307 18.29 -13.21 -30.23
N ILE A 308 17.12 -12.93 -30.79
CA ILE A 308 16.13 -12.14 -30.06
C ILE A 308 14.87 -12.95 -29.81
N CYS A 309 14.48 -13.04 -28.53
CA CYS A 309 13.26 -13.76 -28.16
C CYS A 309 12.15 -12.77 -27.87
N ILE A 310 11.06 -12.88 -28.63
CA ILE A 310 9.91 -12.00 -28.44
C ILE A 310 8.81 -12.74 -27.70
N VAL A 311 8.21 -12.12 -26.68
CA VAL A 311 7.14 -12.82 -25.96
C VAL A 311 5.82 -12.55 -26.66
N LEU A 312 5.19 -13.62 -27.16
CA LEU A 312 3.82 -13.49 -27.66
C LEU A 312 2.93 -13.79 -26.46
N SER A 313 2.44 -12.72 -25.86
CA SER A 313 2.00 -12.75 -24.49
C SER A 313 0.57 -13.30 -24.32
N GLY A 314 -0.23 -13.32 -25.38
CA GLY A 314 -1.61 -13.79 -25.28
C GLY A 314 -2.30 -14.12 -26.59
N GLY A 315 -3.37 -14.90 -26.49
CA GLY A 315 -4.17 -15.27 -27.65
C GLY A 315 -5.66 -15.16 -27.38
N ASN A 316 -6.05 -14.27 -26.47
CA ASN A 316 -7.46 -14.11 -26.14
C ASN A 316 -8.12 -13.04 -27.01
N VAL A 317 -8.56 -13.45 -28.19
CA VAL A 317 -9.09 -12.52 -29.19
C VAL A 317 -10.17 -13.17 -30.03
N ALA B 3 3.15 -12.94 14.84
CA ALA B 3 4.58 -13.22 14.69
C ALA B 3 5.31 -12.06 14.02
N GLN B 4 4.83 -11.66 12.84
CA GLN B 4 5.46 -10.58 12.07
C GLN B 4 4.45 -9.51 11.68
N TYR B 5 4.54 -8.37 12.36
CA TYR B 5 3.66 -7.25 12.14
C TYR B 5 4.37 -6.20 11.28
N CYS B 6 3.74 -5.06 11.05
CA CYS B 6 4.31 -4.11 10.11
C CYS B 6 5.55 -3.43 10.70
N ILE B 7 5.73 -3.58 12.00
CA ILE B 7 7.00 -3.24 12.65
C ILE B 7 7.39 -4.31 13.64
N SER B 8 8.62 -4.24 14.12
CA SER B 8 9.07 -5.05 15.24
C SER B 8 9.62 -4.06 16.26
N PHE B 9 10.11 -4.55 17.39
CA PHE B 9 10.64 -3.64 18.38
C PHE B 9 11.92 -2.95 17.87
N ALA B 10 12.62 -3.61 16.95
CA ALA B 10 13.86 -3.05 16.39
C ALA B 10 13.59 -1.69 15.73
N ASP B 11 12.43 -1.59 15.08
CA ASP B 11 12.02 -0.35 14.44
C ASP B 11 11.78 0.76 15.46
N VAL B 12 11.28 0.37 16.64
CA VAL B 12 11.03 1.31 17.74
C VAL B 12 12.34 1.83 18.33
N GLU B 13 13.27 0.92 18.56
CA GLU B 13 14.59 1.28 19.04
C GLU B 13 15.28 2.23 18.07
N LYS B 14 15.20 1.91 16.78
CA LYS B 14 15.77 2.77 15.76
C LYS B 14 15.07 4.14 15.76
N ALA B 15 13.76 4.15 15.97
CA ALA B 15 13.01 5.42 16.00
C ALA B 15 13.42 6.27 17.20
N HIS B 16 13.59 5.61 18.35
CA HIS B 16 14.09 6.26 19.55
C HIS B 16 15.40 7.03 19.30
N ILE B 17 16.40 6.33 18.78
CA ILE B 17 17.69 6.95 18.48
C ILE B 17 17.51 8.07 17.46
N ASN B 18 16.66 7.79 16.50
CA ASN B 18 16.34 8.71 15.42
C ASN B 18 15.78 10.07 15.86
N ILE B 19 14.99 10.09 16.93
CA ILE B 19 14.21 11.28 17.27
C ILE B 19 14.55 11.91 18.60
N ARG B 20 15.30 11.20 19.45
CA ARG B 20 15.38 11.61 20.86
C ARG B 20 16.06 12.96 21.06
N ASP B 21 16.97 13.32 20.17
CA ASP B 21 17.65 14.61 20.30
C ASP B 21 16.74 15.79 19.91
N SER B 22 15.56 15.50 19.36
CA SER B 22 14.70 16.57 18.88
C SER B 22 13.32 16.62 19.52
N ILE B 23 13.04 15.70 20.45
CA ILE B 23 11.77 15.70 21.18
C ILE B 23 11.99 15.82 22.68
N HIS B 24 10.92 16.02 23.44
CA HIS B 24 11.03 16.07 24.89
C HIS B 24 10.81 14.70 25.49
N LEU B 25 11.69 14.34 26.42
CA LEU B 25 11.45 13.21 27.32
C LEU B 25 10.47 13.75 28.35
N THR B 26 9.18 13.57 28.08
CA THR B 26 8.18 14.25 28.86
C THR B 26 8.09 13.63 30.26
N PRO B 27 7.79 14.46 31.28
CA PRO B 27 7.73 13.95 32.64
C PRO B 27 6.53 13.09 32.90
N VAL B 28 6.66 12.29 33.96
CA VAL B 28 5.54 11.53 34.51
C VAL B 28 5.12 12.16 35.82
N LEU B 29 3.85 12.55 35.90
CA LEU B 29 3.27 13.26 37.03
C LEU B 29 2.24 12.40 37.78
N THR B 30 1.94 12.77 39.02
CA THR B 30 0.96 12.04 39.80
C THR B 30 -0.14 12.93 40.32
N SER B 31 -1.20 12.31 40.81
CA SER B 31 -2.33 13.01 41.38
C SER B 31 -2.96 12.16 42.47
N SER B 32 -2.88 12.64 43.71
CA SER B 32 -3.41 11.85 44.82
C SER B 32 -4.93 11.86 44.77
N ILE B 33 -5.52 12.91 44.23
CA ILE B 33 -6.97 12.95 44.10
C ILE B 33 -7.44 11.86 43.14
N LEU B 34 -6.73 11.68 42.03
CA LEU B 34 -7.13 10.67 41.05
C LEU B 34 -6.76 9.25 41.53
N ASN B 35 -5.73 9.15 42.35
CA ASN B 35 -5.43 7.89 43.02
C ASN B 35 -6.58 7.47 43.95
N GLN B 36 -7.09 8.44 44.70
CA GLN B 36 -8.17 8.17 45.64
C GLN B 36 -9.46 7.76 44.92
N LEU B 37 -9.74 8.40 43.80
CA LEU B 37 -10.97 8.14 43.06
C LEU B 37 -10.96 6.77 42.38
N THR B 38 -9.79 6.31 41.98
CA THR B 38 -9.68 5.06 41.24
C THR B 38 -9.25 3.87 42.10
N GLY B 39 -8.64 4.15 43.25
CA GLY B 39 -8.13 3.10 44.10
C GLY B 39 -6.87 2.48 43.53
N ARG B 40 -6.30 3.15 42.52
CA ARG B 40 -5.07 2.71 41.85
C ARG B 40 -3.93 3.69 42.11
N ASN B 41 -2.73 3.28 41.72
CA ASN B 41 -1.54 4.12 41.81
C ASN B 41 -1.24 4.62 40.40
N LEU B 42 -1.68 5.85 40.11
CA LEU B 42 -1.63 6.35 38.73
C LEU B 42 -0.40 7.18 38.44
N PHE B 43 0.05 7.06 37.20
CA PHE B 43 1.15 7.83 36.68
C PHE B 43 0.73 8.43 35.35
N PHE B 44 1.02 9.71 35.16
CA PHE B 44 0.52 10.40 33.98
C PHE B 44 1.69 10.80 33.09
N LYS B 45 1.79 10.14 31.94
CA LYS B 45 2.85 10.44 30.97
C LYS B 45 2.41 11.67 30.19
N CYS B 46 3.15 12.76 30.32
CA CYS B 46 2.64 14.07 29.90
C CYS B 46 3.01 14.46 28.48
N GLU B 47 2.46 13.74 27.50
CA GLU B 47 2.74 14.10 26.12
C GLU B 47 2.05 15.41 25.74
N LEU B 48 1.18 15.94 26.60
CA LEU B 48 0.62 17.28 26.35
C LEU B 48 1.74 18.33 26.38
N PHE B 49 2.86 17.98 27.03
CA PHE B 49 4.06 18.84 27.10
C PHE B 49 4.99 18.65 25.90
N GLN B 50 4.68 17.71 25.03
CA GLN B 50 5.55 17.37 23.90
C GLN B 50 5.62 18.52 22.88
N LYS B 51 6.72 18.62 22.14
CA LYS B 51 6.79 19.58 21.04
C LYS B 51 5.60 19.38 20.10
N THR B 52 5.08 20.50 19.60
CA THR B 52 3.86 20.59 18.76
C THR B 52 2.58 20.30 19.53
N GLY B 53 2.71 19.96 20.82
CA GLY B 53 1.53 19.85 21.67
C GLY B 53 0.88 18.48 21.75
N SER B 54 1.54 17.48 21.16
CA SER B 54 1.07 16.09 21.23
C SER B 54 2.22 15.12 20.92
N PHE B 55 1.98 13.85 21.19
CA PHE B 55 2.98 12.81 20.94
C PHE B 55 3.31 12.65 19.47
N LYS B 56 2.43 13.12 18.61
CA LYS B 56 2.52 12.76 17.20
C LYS B 56 3.82 13.21 16.54
N ILE B 57 4.58 14.11 17.17
CA ILE B 57 5.85 14.53 16.57
C ILE B 57 6.80 13.34 16.57
N ARG B 58 6.56 12.37 17.44
CA ARG B 58 7.41 11.17 17.49
C ARG B 58 7.35 10.41 16.19
N GLY B 59 6.14 9.99 15.82
CA GLY B 59 5.91 9.27 14.59
C GLY B 59 6.19 10.13 13.38
N ALA B 60 5.79 11.39 13.40
CA ALA B 60 6.01 12.27 12.25
C ALA B 60 7.50 12.51 12.00
N LEU B 61 8.26 12.81 13.05
CA LEU B 61 9.68 13.06 12.85
C LEU B 61 10.39 11.79 12.36
N ASN B 62 10.03 10.64 12.91
CA ASN B 62 10.63 9.38 12.48
C ASN B 62 10.35 9.07 11.01
N ALA B 63 9.15 9.41 10.53
CA ALA B 63 8.83 9.19 9.12
C ALA B 63 9.66 10.10 8.20
N VAL B 64 9.93 11.33 8.63
CA VAL B 64 10.63 12.28 7.79
C VAL B 64 12.15 12.00 7.80
N ARG B 65 12.68 11.56 8.93
CA ARG B 65 14.10 11.23 9.00
C ARG B 65 14.43 9.84 8.46
N SER B 66 13.47 8.92 8.51
CA SER B 66 13.60 7.60 7.88
C SER B 66 13.42 7.71 6.37
N LYS B 75 15.89 10.93 -1.04
CA LYS B 75 15.23 11.54 0.10
C LYS B 75 14.11 12.46 -0.39
N PRO B 76 12.99 12.52 0.35
CA PRO B 76 11.80 13.25 -0.10
C PRO B 76 11.97 14.77 -0.16
N LYS B 77 11.33 15.39 -1.15
CA LYS B 77 11.45 16.83 -1.29
C LYS B 77 10.33 17.55 -0.54
N ALA B 78 9.36 16.79 -0.04
CA ALA B 78 8.18 17.36 0.60
C ALA B 78 7.37 16.27 1.28
N VAL B 79 6.61 16.66 2.28
CA VAL B 79 5.73 15.71 2.94
C VAL B 79 4.29 16.19 2.80
N VAL B 80 3.36 15.25 2.75
CA VAL B 80 1.95 15.57 2.46
C VAL B 80 1.05 14.78 3.39
N THR B 81 -0.01 15.41 3.90
CA THR B 81 -1.05 14.67 4.61
C THR B 81 -2.37 15.41 4.47
N HIS B 82 -3.48 14.69 4.65
CA HIS B 82 -4.77 15.37 4.75
C HIS B 82 -5.34 15.19 6.14
N SER B 83 -4.49 14.75 7.08
CA SER B 83 -4.84 14.80 8.49
C SER B 83 -4.38 16.14 9.05
N SER B 84 -5.30 17.11 9.13
CA SER B 84 -4.90 18.51 9.35
C SER B 84 -4.87 18.94 10.81
N GLY B 85 -5.13 17.99 11.72
CA GLY B 85 -5.08 18.28 13.14
C GLY B 85 -3.69 18.08 13.72
N ASN B 86 -3.61 17.35 14.84
CA ASN B 86 -2.35 17.12 15.55
C ASN B 86 -1.28 16.47 14.68
N HIS B 87 -1.67 15.55 13.80
CA HIS B 87 -0.70 14.97 12.87
C HIS B 87 -0.17 16.03 11.89
N GLY B 88 -1.07 16.80 11.31
CA GLY B 88 -0.64 17.85 10.40
C GLY B 88 0.32 18.82 11.06
N GLN B 89 0.00 19.19 12.30
CA GLN B 89 0.83 20.15 13.03
C GLN B 89 2.21 19.55 13.31
N ALA B 90 2.22 18.28 13.74
CA ALA B 90 3.46 17.58 14.02
C ALA B 90 4.28 17.39 12.75
N LEU B 91 3.63 16.98 11.68
CA LEU B 91 4.34 16.70 10.43
C LEU B 91 4.98 17.97 9.86
N THR B 92 4.30 19.10 10.01
CA THR B 92 4.83 20.36 9.52
C THR B 92 6.08 20.78 10.29
N TYR B 93 6.09 20.55 11.60
CA TYR B 93 7.28 20.87 12.41
C TYR B 93 8.43 19.95 12.03
N ALA B 94 8.15 18.66 11.87
CA ALA B 94 9.17 17.70 11.43
C ALA B 94 9.77 18.11 10.08
N ALA B 95 8.91 18.58 9.18
CA ALA B 95 9.35 19.03 7.88
C ALA B 95 10.28 20.24 8.00
N LYS B 96 9.86 21.20 8.83
CA LYS B 96 10.65 22.39 9.11
C LYS B 96 12.04 22.02 9.61
N LEU B 97 12.08 21.11 10.57
CA LEU B 97 13.35 20.63 11.11
C LEU B 97 14.27 20.05 10.04
N GLU B 98 13.68 19.48 9.01
CA GLU B 98 14.42 18.77 7.99
C GLU B 98 14.59 19.61 6.73
N GLY B 99 14.08 20.82 6.74
CA GLY B 99 14.30 21.77 5.66
C GLY B 99 13.45 21.55 4.42
N ILE B 100 12.27 20.96 4.60
CA ILE B 100 11.38 20.73 3.47
C ILE B 100 9.97 21.24 3.76
N PRO B 101 9.21 21.54 2.70
CA PRO B 101 7.83 22.03 2.90
C PRO B 101 6.89 20.91 3.30
N ALA B 102 5.84 21.26 4.03
CA ALA B 102 4.77 20.33 4.35
C ALA B 102 3.49 20.82 3.72
N TYR B 103 2.83 19.97 2.95
CA TYR B 103 1.59 20.37 2.31
C TYR B 103 0.44 19.67 3.00
N ILE B 104 -0.48 20.46 3.53
CA ILE B 104 -1.68 19.92 4.17
C ILE B 104 -2.89 20.08 3.25
N VAL B 105 -3.53 18.96 2.93
CA VAL B 105 -4.71 18.99 2.08
C VAL B 105 -5.97 19.18 2.94
N VAL B 106 -6.74 20.22 2.60
CA VAL B 106 -7.84 20.73 3.40
C VAL B 106 -9.05 20.97 2.51
N PRO B 107 -10.25 20.53 2.94
CA PRO B 107 -11.42 20.87 2.11
C PRO B 107 -11.61 22.38 2.00
N GLN B 108 -11.98 22.83 0.81
CA GLN B 108 -12.17 24.26 0.55
C GLN B 108 -13.29 24.82 1.42
N THR B 109 -14.19 23.94 1.85
CA THR B 109 -15.34 24.34 2.67
C THR B 109 -15.02 24.38 4.17
N ALA B 110 -13.77 24.14 4.55
CA ALA B 110 -13.40 24.22 5.96
C ALA B 110 -13.57 25.66 6.44
N PRO B 111 -13.98 25.83 7.70
CA PRO B 111 -14.15 27.20 8.23
C PRO B 111 -12.83 27.98 8.25
N ASP B 112 -12.92 29.29 8.09
CA ASP B 112 -11.75 30.16 8.05
C ASP B 112 -10.84 29.95 9.26
N CYS B 113 -11.44 29.77 10.43
CA CYS B 113 -10.68 29.61 11.66
C CYS B 113 -9.78 28.39 11.61
N LYS B 114 -10.25 27.32 10.99
CA LYS B 114 -9.43 26.12 10.87
C LYS B 114 -8.37 26.33 9.80
N LYS B 115 -8.74 26.99 8.70
CA LYS B 115 -7.79 27.32 7.66
C LYS B 115 -6.65 28.15 8.22
N LEU B 116 -7.00 29.16 9.01
CA LEU B 116 -6.01 30.06 9.59
C LEU B 116 -5.12 29.32 10.60
N ALA B 117 -5.68 28.37 11.35
CA ALA B 117 -4.91 27.63 12.34
C ALA B 117 -3.90 26.72 11.66
N ILE B 118 -4.29 26.16 10.53
CA ILE B 118 -3.41 25.27 9.77
C ILE B 118 -2.28 26.09 9.14
N GLN B 119 -2.63 27.26 8.59
CA GLN B 119 -1.60 28.16 8.08
C GLN B 119 -0.67 28.58 9.20
N ALA B 120 -1.27 28.89 10.36
CA ALA B 120 -0.49 29.36 11.50
C ALA B 120 0.53 28.34 12.02
N TYR B 121 0.28 27.04 11.85
CA TYR B 121 1.31 26.11 12.30
C TYR B 121 2.38 25.80 11.25
N GLY B 122 2.36 26.54 10.13
CA GLY B 122 3.46 26.51 9.19
C GLY B 122 3.17 25.80 7.89
N ALA B 123 1.94 25.34 7.72
CA ALA B 123 1.55 24.53 6.58
C ALA B 123 1.35 25.32 5.29
N SER B 124 1.67 24.69 4.16
CA SER B 124 1.22 25.15 2.85
C SER B 124 -0.05 24.38 2.50
N ILE B 125 -1.16 25.11 2.39
CA ILE B 125 -2.47 24.49 2.22
C ILE B 125 -2.82 24.24 0.76
N VAL B 126 -3.34 23.05 0.49
CA VAL B 126 -3.93 22.74 -0.81
C VAL B 126 -5.38 22.32 -0.57
N TYR B 127 -6.30 22.82 -1.37
CA TYR B 127 -7.72 22.57 -1.16
C TYR B 127 -8.20 21.30 -1.82
N CYS B 128 -9.18 20.65 -1.18
CA CYS B 128 -9.90 19.55 -1.80
C CYS B 128 -11.39 19.78 -1.58
N GLU B 129 -12.20 18.84 -2.04
CA GLU B 129 -13.62 18.90 -1.73
C GLU B 129 -13.86 18.07 -0.47
N PRO B 130 -14.97 18.33 0.24
CA PRO B 130 -15.15 17.69 1.55
C PRO B 130 -15.62 16.24 1.45
N SER B 131 -14.69 15.33 1.12
CA SER B 131 -14.99 13.92 1.04
C SER B 131 -13.69 13.14 1.18
N ASP B 132 -13.76 11.92 1.70
CA ASP B 132 -12.54 11.11 1.85
C ASP B 132 -11.92 10.83 0.50
N GLU B 133 -12.77 10.64 -0.51
CA GLU B 133 -12.33 10.42 -1.88
C GLU B 133 -11.42 11.56 -2.35
N SER B 134 -11.93 12.78 -2.26
CA SER B 134 -11.17 13.95 -2.71
C SER B 134 -9.92 14.21 -1.88
N ARG B 135 -9.99 13.97 -0.58
CA ARG B 135 -8.83 14.15 0.29
C ARG B 135 -7.64 13.32 -0.16
N GLU B 136 -7.89 12.07 -0.54
CA GLU B 136 -6.81 11.16 -0.88
C GLU B 136 -6.24 11.43 -2.27
N ASN B 137 -7.08 11.80 -3.24
CA ASN B 137 -6.59 11.99 -4.60
C ASN B 137 -5.86 13.31 -4.78
N VAL B 138 -6.35 14.35 -4.11
CA VAL B 138 -5.65 15.62 -4.11
C VAL B 138 -4.30 15.44 -3.41
N ALA B 139 -4.30 14.70 -2.30
CA ALA B 139 -3.07 14.44 -1.59
C ALA B 139 -2.06 13.65 -2.45
N LYS B 140 -2.58 12.69 -3.22
CA LYS B 140 -1.74 11.92 -4.13
C LYS B 140 -1.14 12.82 -5.22
N ARG B 141 -1.96 13.69 -5.78
CA ARG B 141 -1.50 14.61 -6.81
C ARG B 141 -0.40 15.53 -6.31
N VAL B 142 -0.61 16.11 -5.12
CA VAL B 142 0.40 16.99 -4.50
C VAL B 142 1.69 16.22 -4.27
N THR B 143 1.56 14.99 -3.78
CA THR B 143 2.72 14.14 -3.56
C THR B 143 3.49 13.92 -4.86
N GLU B 144 2.76 13.62 -5.93
CA GLU B 144 3.38 13.29 -7.22
C GLU B 144 3.94 14.52 -7.94
N GLU B 145 3.32 15.67 -7.74
CA GLU B 145 3.82 16.92 -8.33
C GLU B 145 5.04 17.46 -7.59
N THR B 146 5.09 17.27 -6.28
CA THR B 146 6.19 17.80 -5.48
C THR B 146 7.31 16.79 -5.26
N GLU B 147 7.16 15.60 -5.85
CA GLU B 147 8.10 14.50 -5.65
C GLU B 147 8.33 14.26 -4.16
N GLY B 148 7.27 14.30 -3.38
CA GLY B 148 7.37 14.12 -1.94
C GLY B 148 6.78 12.81 -1.50
N ILE B 149 6.48 12.69 -0.21
CA ILE B 149 5.85 11.50 0.33
C ILE B 149 4.63 11.83 1.16
N MET B 150 3.61 10.97 1.09
CA MET B 150 2.49 11.08 1.99
C MET B 150 2.82 10.36 3.29
N VAL B 151 2.52 11.00 4.42
CA VAL B 151 2.73 10.37 5.71
C VAL B 151 1.39 10.19 6.40
N HIS B 152 0.96 8.94 6.53
CA HIS B 152 -0.34 8.63 7.11
C HIS B 152 -0.28 8.87 8.63
N PRO B 153 -1.38 9.34 9.22
CA PRO B 153 -1.33 9.66 10.65
C PRO B 153 -1.25 8.43 11.58
N ASN B 154 -1.59 7.24 11.11
CA ASN B 154 -1.53 6.09 12.01
C ASN B 154 -1.16 4.74 11.42
N GLN B 155 -1.20 4.58 10.10
CA GLN B 155 -0.95 3.26 9.51
C GLN B 155 0.47 3.11 8.93
N GLU B 156 1.13 4.24 8.70
CA GLU B 156 2.50 4.25 8.19
C GLU B 156 3.44 3.62 9.22
N PRO B 157 4.14 2.55 8.84
CA PRO B 157 4.97 1.83 9.81
C PRO B 157 6.00 2.74 10.52
N ALA B 158 6.59 3.68 9.80
CA ALA B 158 7.57 4.58 10.42
C ALA B 158 6.92 5.40 11.51
N VAL B 159 5.63 5.67 11.35
CA VAL B 159 4.91 6.52 12.29
C VAL B 159 4.58 5.71 13.55
N ILE B 160 4.06 4.50 13.33
CA ILE B 160 3.74 3.58 14.42
C ILE B 160 4.98 3.35 15.27
N ALA B 161 6.11 3.13 14.61
CA ALA B 161 7.38 2.87 15.31
C ALA B 161 7.76 4.05 16.19
N GLY B 162 7.60 5.26 15.66
CA GLY B 162 7.82 6.46 16.44
C GLY B 162 6.91 6.61 17.65
N GLN B 163 5.60 6.37 17.49
CA GLN B 163 4.72 6.48 18.64
C GLN B 163 5.15 5.48 19.74
N GLY B 164 5.70 4.34 19.33
CA GLY B 164 6.08 3.32 20.27
C GLY B 164 7.13 3.76 21.27
N THR B 165 7.86 4.82 20.93
CA THR B 165 8.91 5.30 21.83
C THR B 165 8.36 5.83 23.15
N ILE B 166 7.08 6.18 23.17
CA ILE B 166 6.42 6.59 24.43
C ILE B 166 6.60 5.49 25.48
N ALA B 167 6.38 4.25 25.06
CA ALA B 167 6.48 3.09 25.94
C ALA B 167 7.90 2.87 26.45
N LEU B 168 8.90 3.14 25.60
CA LEU B 168 10.29 3.03 26.01
C LEU B 168 10.55 3.93 27.21
N GLU B 169 10.07 5.16 27.13
CA GLU B 169 10.25 6.11 28.20
C GLU B 169 9.47 5.70 29.44
N VAL B 170 8.20 5.34 29.28
CA VAL B 170 7.41 4.96 30.44
C VAL B 170 8.02 3.79 31.23
N LEU B 171 8.52 2.78 30.52
CA LEU B 171 9.06 1.60 31.20
C LEU B 171 10.29 1.97 32.00
N ASN B 172 11.02 2.98 31.54
CA ASN B 172 12.16 3.49 32.30
C ASN B 172 11.74 4.40 33.44
N GLN B 173 10.72 5.23 33.21
CA GLN B 173 10.35 6.25 34.19
C GLN B 173 9.52 5.71 35.34
N VAL B 174 8.78 4.64 35.04
CA VAL B 174 7.92 3.98 36.02
C VAL B 174 8.32 2.50 36.04
N PRO B 175 9.45 2.20 36.68
CA PRO B 175 10.03 0.85 36.56
C PRO B 175 9.11 -0.26 37.07
N LEU B 176 8.18 0.06 37.97
CA LEU B 176 7.26 -0.96 38.48
C LEU B 176 5.85 -0.85 37.91
N VAL B 177 5.73 -0.27 36.71
CA VAL B 177 4.43 -0.10 36.08
C VAL B 177 3.77 -1.46 35.81
N ASP B 178 2.47 -1.53 36.07
CA ASP B 178 1.70 -2.76 35.86
C ASP B 178 0.85 -2.72 34.59
N ALA B 179 0.49 -1.51 34.16
CA ALA B 179 -0.30 -1.35 32.96
C ALA B 179 -0.10 0.04 32.34
N LEU B 180 -0.26 0.14 31.02
CA LEU B 180 -0.40 1.43 30.34
C LEU B 180 -1.80 1.54 29.84
N VAL B 181 -2.39 2.73 29.93
CA VAL B 181 -3.70 3.01 29.37
C VAL B 181 -3.52 4.06 28.26
N VAL B 182 -3.99 3.73 27.06
CA VAL B 182 -3.73 4.48 25.85
C VAL B 182 -5.00 4.78 25.07
N PRO B 183 -5.27 6.08 24.79
CA PRO B 183 -6.42 6.36 23.93
C PRO B 183 -6.19 5.83 22.53
N VAL B 184 -7.24 5.34 21.88
CA VAL B 184 -7.09 4.77 20.56
C VAL B 184 -8.03 5.41 19.52
N GLY B 185 -7.40 5.89 18.45
CA GLY B 185 -8.12 6.36 17.27
C GLY B 185 -7.74 5.46 16.11
N GLY B 186 -6.72 5.84 15.36
CA GLY B 186 -6.22 4.98 14.30
C GLY B 186 -5.40 3.81 14.83
N GLY B 187 -4.98 3.91 16.09
CA GLY B 187 -4.26 2.84 16.75
C GLY B 187 -2.77 2.86 16.50
N GLY B 188 -2.27 3.97 15.99
CA GLY B 188 -0.84 4.09 15.76
C GLY B 188 -0.10 4.09 17.09
N MET B 189 -0.57 4.93 18.00
CA MET B 189 0.05 4.98 19.31
C MET B 189 -0.11 3.64 20.04
N LEU B 190 -1.29 3.07 19.92
CA LEU B 190 -1.62 1.85 20.65
C LEU B 190 -0.76 0.70 20.15
N ALA B 191 -0.64 0.58 18.82
CA ALA B 191 0.14 -0.50 18.23
C ALA B 191 1.63 -0.37 18.52
N GLY B 192 2.17 0.84 18.44
CA GLY B 192 3.59 1.03 18.70
C GLY B 192 3.94 0.71 20.15
N ILE B 193 3.05 1.11 21.05
CA ILE B 193 3.21 0.82 22.45
C ILE B 193 3.06 -0.67 22.71
N ALA B 194 2.08 -1.31 22.10
CA ALA B 194 1.87 -2.76 22.31
C ALA B 194 3.09 -3.57 21.84
N ILE B 195 3.60 -3.23 20.66
CA ILE B 195 4.81 -3.86 20.13
C ILE B 195 5.98 -3.73 21.11
N THR B 196 6.08 -2.58 21.75
CA THR B 196 7.24 -2.28 22.59
C THR B 196 7.14 -2.95 23.96
N VAL B 197 6.01 -2.76 24.63
CA VAL B 197 5.76 -3.37 25.94
C VAL B 197 5.82 -4.90 25.90
N LYS B 198 5.21 -5.48 24.89
CA LYS B 198 5.16 -6.94 24.84
C LYS B 198 6.53 -7.52 24.47
N ALA B 199 7.35 -6.76 23.76
CA ALA B 199 8.70 -7.23 23.48
C ALA B 199 9.60 -7.11 24.70
N LEU B 200 9.45 -6.03 25.46
CA LEU B 200 10.36 -5.75 26.57
C LEU B 200 9.88 -6.29 27.93
N LYS B 201 8.60 -6.16 28.21
CA LYS B 201 8.04 -6.62 29.48
C LYS B 201 6.59 -7.05 29.32
N PRO B 202 6.36 -8.24 28.74
CA PRO B 202 4.99 -8.68 28.40
C PRO B 202 4.08 -8.89 29.61
N SER B 203 4.65 -8.95 30.81
CA SER B 203 3.86 -9.02 32.03
C SER B 203 3.12 -7.70 32.33
N VAL B 204 3.57 -6.58 31.72
CA VAL B 204 2.86 -5.32 31.85
C VAL B 204 1.66 -5.32 30.90
N LYS B 205 0.51 -4.87 31.39
CA LYS B 205 -0.71 -4.84 30.61
C LYS B 205 -0.76 -3.62 29.65
N VAL B 206 -1.32 -3.83 28.47
CA VAL B 206 -1.55 -2.72 27.55
C VAL B 206 -3.05 -2.59 27.36
N TYR B 207 -3.61 -1.48 27.82
CA TYR B 207 -5.06 -1.25 27.73
C TYR B 207 -5.35 -0.09 26.80
N ALA B 208 -6.34 -0.22 25.93
CA ALA B 208 -6.79 0.91 25.12
C ALA B 208 -8.00 1.57 25.76
N ALA B 209 -8.18 2.85 25.47
CA ALA B 209 -9.32 3.63 25.95
C ALA B 209 -9.99 4.26 24.74
N GLU B 210 -11.30 4.09 24.61
CA GLU B 210 -12.02 4.48 23.40
C GLU B 210 -13.41 5.05 23.65
N PRO B 211 -13.79 6.11 22.89
CA PRO B 211 -15.16 6.60 23.06
C PRO B 211 -16.18 5.58 22.61
N SER B 212 -17.23 5.41 23.41
CA SER B 212 -18.39 4.61 23.00
C SER B 212 -18.92 5.03 21.65
N ASN B 213 -18.84 6.33 21.37
CA ASN B 213 -19.36 6.89 20.11
C ASN B 213 -18.46 6.64 18.91
N ALA B 214 -17.32 6.00 19.14
CA ALA B 214 -16.37 5.72 18.09
C ALA B 214 -15.69 4.39 18.35
N ASP B 215 -16.47 3.36 18.68
CA ASP B 215 -15.93 2.15 19.32
C ASP B 215 -15.54 1.00 18.36
N ASP B 216 -14.99 1.37 17.21
CA ASP B 216 -14.59 0.41 16.19
C ASP B 216 -13.52 -0.55 16.69
N CYS B 217 -12.64 -0.05 17.54
CA CYS B 217 -11.54 -0.86 18.07
C CYS B 217 -12.12 -1.90 19.02
N TYR B 218 -13.03 -1.45 19.88
CA TYR B 218 -13.70 -2.35 20.82
C TYR B 218 -14.51 -3.42 20.09
N GLN B 219 -15.28 -3.03 19.06
CA GLN B 219 -16.07 -4.02 18.33
C GLN B 219 -15.17 -4.97 17.56
N SER B 220 -14.05 -4.46 17.07
CA SER B 220 -13.10 -5.29 16.33
C SER B 220 -12.50 -6.40 17.18
N LYS B 221 -12.06 -6.06 18.38
CA LYS B 221 -11.44 -7.08 19.19
C LYS B 221 -12.48 -8.08 19.68
N LEU B 222 -13.74 -7.64 19.81
CA LEU B 222 -14.82 -8.54 20.21
C LEU B 222 -15.20 -9.56 19.12
N LYS B 223 -15.32 -9.08 17.89
CA LYS B 223 -15.75 -9.96 16.81
C LYS B 223 -14.54 -10.67 16.19
N GLY B 224 -13.35 -10.22 16.53
CA GLY B 224 -12.13 -10.86 16.05
C GLY B 224 -11.78 -10.53 14.61
N LYS B 225 -12.34 -9.44 14.08
CA LYS B 225 -12.00 -8.96 12.76
C LYS B 225 -12.11 -7.44 12.72
N LEU B 226 -11.46 -6.82 11.74
CA LEU B 226 -11.46 -5.36 11.62
C LEU B 226 -12.86 -4.85 11.30
N MET B 227 -13.41 -4.01 12.17
CA MET B 227 -14.77 -3.48 11.99
C MET B 227 -14.79 -1.96 12.08
N PRO B 228 -14.46 -1.27 10.97
CA PRO B 228 -14.38 0.19 11.00
C PRO B 228 -15.74 0.83 11.27
N ASN B 229 -15.72 2.00 11.93
CA ASN B 229 -16.92 2.81 12.09
C ASN B 229 -17.65 3.01 10.77
N LEU B 230 -18.92 2.64 10.72
CA LEU B 230 -19.69 2.79 9.48
C LEU B 230 -19.94 4.25 9.14
N TYR B 231 -20.19 5.06 10.17
CA TYR B 231 -20.45 6.48 9.99
C TYR B 231 -19.34 7.30 10.62
N PRO B 232 -19.03 8.46 10.04
CA PRO B 232 -18.17 9.43 10.70
C PRO B 232 -18.61 9.65 12.15
N PRO B 233 -17.74 9.35 13.12
CA PRO B 233 -18.09 9.37 14.55
C PRO B 233 -18.43 10.76 15.05
N GLU B 234 -19.38 10.85 15.98
CA GLU B 234 -19.65 12.10 16.69
C GLU B 234 -19.15 11.99 18.12
N THR B 235 -18.08 12.72 18.42
CA THR B 235 -17.46 12.70 19.74
C THR B 235 -16.63 13.97 19.95
N ILE B 236 -16.55 14.40 21.20
CA ILE B 236 -15.72 15.54 21.56
C ILE B 236 -14.23 15.13 21.56
N ALA B 237 -13.98 13.83 21.59
CA ALA B 237 -12.61 13.35 21.50
C ALA B 237 -12.18 13.35 20.02
N ASP B 238 -11.92 14.54 19.48
CA ASP B 238 -11.69 14.75 18.05
C ASP B 238 -10.53 13.94 17.47
N GLY B 239 -9.53 13.64 18.31
CA GLY B 239 -8.34 12.92 17.87
C GLY B 239 -8.50 11.42 17.71
N VAL B 240 -9.64 10.87 18.11
CA VAL B 240 -9.79 9.43 17.97
C VAL B 240 -11.00 9.03 17.14
N LYS B 241 -11.35 9.88 16.18
CA LYS B 241 -12.45 9.62 15.26
C LYS B 241 -12.07 8.62 14.17
N SER B 242 -10.79 8.60 13.80
CA SER B 242 -10.30 7.62 12.83
C SER B 242 -10.56 6.17 13.28
N SER B 243 -10.86 5.29 12.34
CA SER B 243 -10.90 3.87 12.63
C SER B 243 -9.49 3.28 12.65
N ILE B 244 -9.33 2.14 13.31
CA ILE B 244 -8.09 1.39 13.20
C ILE B 244 -8.00 0.83 11.79
N GLY B 245 -6.80 0.45 11.35
CA GLY B 245 -6.62 0.08 9.97
C GLY B 245 -5.89 -1.23 9.78
N LEU B 246 -5.49 -1.49 8.53
CA LEU B 246 -4.90 -2.76 8.13
C LEU B 246 -3.58 -3.06 8.82
N ASN B 247 -2.83 -2.03 9.18
CA ASN B 247 -1.54 -2.21 9.84
C ASN B 247 -1.64 -2.27 11.36
N THR B 248 -2.49 -1.44 11.95
CA THR B 248 -2.59 -1.39 13.42
C THR B 248 -3.47 -2.54 13.96
N TRP B 249 -4.51 -2.94 13.24
CA TRP B 249 -5.43 -3.97 13.75
C TRP B 249 -4.75 -5.28 14.16
N PRO B 250 -3.88 -5.87 13.31
CA PRO B 250 -3.31 -7.16 13.71
C PRO B 250 -2.50 -7.10 15.00
N ILE B 251 -1.79 -6.01 15.19
CA ILE B 251 -1.02 -5.78 16.42
C ILE B 251 -1.95 -5.63 17.63
N ILE B 252 -3.05 -4.90 17.42
CA ILE B 252 -4.03 -4.65 18.48
C ILE B 252 -4.79 -5.95 18.79
N ARG B 253 -5.06 -6.73 17.75
CA ARG B 253 -5.71 -8.02 17.89
C ARG B 253 -4.90 -8.97 18.79
N ASP B 254 -3.58 -9.03 18.57
CA ASP B 254 -2.76 -10.02 19.26
C ASP B 254 -2.04 -9.53 20.52
N LEU B 255 -1.77 -8.24 20.63
CA LEU B 255 -0.86 -7.74 21.68
C LEU B 255 -1.49 -6.80 22.71
N VAL B 256 -2.75 -6.44 22.51
CA VAL B 256 -3.42 -5.52 23.44
C VAL B 256 -4.34 -6.32 24.35
N ASP B 257 -4.26 -6.10 25.66
CA ASP B 257 -4.98 -6.96 26.61
C ASP B 257 -6.46 -6.68 26.76
N ASP B 258 -6.86 -5.41 26.65
CA ASP B 258 -8.27 -5.08 26.80
C ASP B 258 -8.53 -3.68 26.27
N ILE B 259 -9.79 -3.41 25.99
CA ILE B 259 -10.23 -2.12 25.48
C ILE B 259 -11.42 -1.66 26.33
N PHE B 260 -11.34 -0.44 26.84
CA PHE B 260 -12.40 0.10 27.70
C PHE B 260 -13.09 1.29 27.03
N THR B 261 -14.41 1.20 26.86
CA THR B 261 -15.13 2.30 26.22
C THR B 261 -15.69 3.27 27.24
N VAL B 262 -15.79 4.53 26.85
CA VAL B 262 -16.28 5.56 27.74
C VAL B 262 -17.29 6.44 27.01
N THR B 263 -18.29 6.90 27.74
CA THR B 263 -19.34 7.74 27.18
C THR B 263 -18.79 9.14 26.95
N GLU B 264 -19.53 9.92 26.16
CA GLU B 264 -19.23 11.33 25.95
C GLU B 264 -19.16 12.06 27.28
N ASP B 265 -20.13 11.77 28.15
CA ASP B 265 -20.19 12.39 29.46
C ASP B 265 -19.00 11.99 30.35
N GLU B 266 -18.57 10.75 30.22
CA GLU B 266 -17.39 10.30 30.99
C GLU B 266 -16.15 11.05 30.53
N ILE B 267 -16.04 11.24 29.22
CA ILE B 267 -14.92 11.96 28.64
C ILE B 267 -14.88 13.41 29.11
N LYS B 268 -16.03 14.08 29.10
CA LYS B 268 -16.13 15.46 29.55
C LYS B 268 -15.79 15.60 31.03
N CYS B 269 -16.36 14.72 31.86
CA CYS B 269 -16.11 14.81 33.29
C CYS B 269 -14.64 14.57 33.60
N ALA B 270 -14.03 13.62 32.92
CA ALA B 270 -12.62 13.32 33.16
C ALA B 270 -11.70 14.48 32.73
N THR B 271 -12.00 15.07 31.58
CA THR B 271 -11.21 16.19 31.08
C THR B 271 -11.30 17.36 32.07
N GLN B 272 -12.52 17.67 32.53
CA GLN B 272 -12.72 18.72 33.53
C GLN B 272 -12.01 18.40 34.85
N LEU B 273 -12.04 17.14 35.27
CA LEU B 273 -11.33 16.70 36.46
C LEU B 273 -9.83 17.00 36.32
N VAL B 274 -9.29 16.70 35.16
CA VAL B 274 -7.85 16.94 34.93
C VAL B 274 -7.55 18.43 34.94
N TRP B 275 -8.35 19.23 34.25
CA TRP B 275 -8.18 20.68 34.27
C TRP B 275 -8.21 21.24 35.69
N GLU B 276 -9.29 20.93 36.41
CA GLU B 276 -9.61 21.52 37.72
C GLU B 276 -8.71 21.03 38.86
N ARG B 277 -8.42 19.74 38.89
CA ARG B 277 -7.71 19.20 40.04
C ARG B 277 -6.26 18.83 39.74
N MET B 278 -5.90 18.70 38.48
CA MET B 278 -4.51 18.51 38.12
C MET B 278 -3.87 19.76 37.51
N LYS B 279 -4.69 20.74 37.16
CA LYS B 279 -4.18 21.99 36.55
C LYS B 279 -3.39 21.74 35.26
N LEU B 280 -3.66 20.64 34.57
CA LEU B 280 -3.04 20.36 33.27
C LEU B 280 -4.02 20.65 32.13
N LEU B 281 -3.62 21.47 31.17
CA LEU B 281 -4.47 21.80 30.02
C LEU B 281 -4.47 20.75 28.92
N ILE B 282 -5.07 19.59 29.20
CA ILE B 282 -5.19 18.55 28.20
C ILE B 282 -6.32 18.86 27.22
N GLU B 283 -6.22 18.30 26.02
CA GLU B 283 -7.35 18.37 25.12
C GLU B 283 -8.27 17.18 25.46
N PRO B 284 -9.55 17.28 25.08
CA PRO B 284 -10.51 16.25 25.50
C PRO B 284 -10.16 14.84 25.05
N THR B 285 -9.46 14.72 23.92
CA THR B 285 -9.04 13.40 23.46
C THR B 285 -8.13 12.76 24.50
N ALA B 286 -7.40 13.60 25.21
CA ALA B 286 -6.46 13.12 26.23
C ALA B 286 -7.17 12.77 27.52
N GLY B 287 -8.43 13.16 27.63
CA GLY B 287 -9.21 12.80 28.78
C GLY B 287 -9.75 11.39 28.66
N VAL B 288 -9.69 10.82 27.46
CA VAL B 288 -10.28 9.51 27.22
C VAL B 288 -9.65 8.40 28.08
N GLY B 289 -8.32 8.39 28.19
CA GLY B 289 -7.62 7.41 29.00
C GLY B 289 -7.93 7.53 30.48
N VAL B 290 -8.04 8.76 30.94
CA VAL B 290 -8.43 9.04 32.32
C VAL B 290 -9.87 8.56 32.58
N ALA B 291 -10.77 8.85 31.65
CA ALA B 291 -12.14 8.36 31.77
C ALA B 291 -12.18 6.84 31.86
N ALA B 292 -11.31 6.17 31.12
CA ALA B 292 -11.30 4.70 31.11
C ALA B 292 -10.98 4.13 32.50
N VAL B 293 -9.96 4.67 33.14
CA VAL B 293 -9.54 4.18 34.46
C VAL B 293 -10.60 4.53 35.53
N LEU B 294 -11.38 5.58 35.27
CA LEU B 294 -12.49 5.92 36.16
C LEU B 294 -13.77 5.15 35.87
N SER B 295 -13.82 4.42 34.75
CA SER B 295 -15.09 3.81 34.32
C SER B 295 -15.46 2.59 35.17
N GLN B 296 -16.75 2.25 35.19
CA GLN B 296 -17.21 1.13 35.99
C GLN B 296 -16.54 -0.17 35.61
N HIS B 297 -16.37 -0.43 34.31
CA HIS B 297 -15.79 -1.72 33.91
C HIS B 297 -14.30 -1.87 34.25
N PHE B 298 -13.60 -0.76 34.42
CA PHE B 298 -12.18 -0.86 34.78
C PHE B 298 -12.03 -1.47 36.18
N GLN B 299 -13.09 -1.47 36.97
CA GLN B 299 -13.05 -2.12 38.28
C GLN B 299 -12.88 -3.64 38.18
N THR B 300 -13.14 -4.20 37.00
CA THR B 300 -12.90 -5.62 36.79
C THR B 300 -11.40 -5.95 36.62
N VAL B 301 -10.58 -4.93 36.39
CA VAL B 301 -9.13 -5.14 36.33
C VAL B 301 -8.60 -5.63 37.68
N SER B 302 -7.86 -6.74 37.66
CA SER B 302 -7.29 -7.33 38.86
C SER B 302 -6.64 -6.31 39.81
N PRO B 303 -6.85 -6.49 41.12
CA PRO B 303 -6.26 -5.61 42.13
C PRO B 303 -4.73 -5.64 42.11
N GLU B 304 -4.15 -6.67 41.50
CA GLU B 304 -2.69 -6.75 41.34
C GLU B 304 -2.17 -5.74 40.33
N VAL B 305 -3.06 -5.26 39.45
CA VAL B 305 -2.67 -4.21 38.52
C VAL B 305 -2.79 -2.87 39.25
N LYS B 306 -1.75 -2.51 39.98
CA LYS B 306 -1.80 -1.37 40.88
C LYS B 306 -1.22 -0.12 40.26
N ASN B 307 -0.04 -0.28 39.66
CA ASN B 307 0.67 0.85 39.04
C ASN B 307 0.31 1.06 37.57
N ILE B 308 -0.50 2.08 37.31
CA ILE B 308 -1.05 2.25 35.98
C ILE B 308 -0.63 3.60 35.42
N CYS B 309 -0.01 3.56 34.25
CA CYS B 309 0.39 4.80 33.60
C CYS B 309 -0.60 5.13 32.50
N ILE B 310 -1.18 6.33 32.58
CA ILE B 310 -2.07 6.85 31.56
C ILE B 310 -1.33 7.84 30.67
N VAL B 311 -1.45 7.70 29.35
CA VAL B 311 -0.84 8.65 28.44
C VAL B 311 -1.75 9.84 28.25
N LEU B 312 -1.32 11.01 28.70
CA LEU B 312 -2.02 12.25 28.40
C LEU B 312 -1.44 12.74 27.08
N SER B 313 -2.15 12.46 26.01
CA SER B 313 -1.58 12.39 24.68
C SER B 313 -1.44 13.75 23.98
N GLY B 314 -2.17 14.76 24.43
CA GLY B 314 -2.12 16.06 23.79
C GLY B 314 -2.68 17.21 24.60
N GLY B 315 -2.31 18.44 24.23
CA GLY B 315 -2.75 19.64 24.92
C GLY B 315 -3.17 20.75 23.95
N ASN B 316 -3.48 20.39 22.71
CA ASN B 316 -3.83 21.39 21.71
C ASN B 316 -5.31 21.74 21.74
N VAL B 317 -5.67 22.65 22.65
CA VAL B 317 -7.06 23.03 22.84
C VAL B 317 -7.17 24.53 23.08
N1 PLP C . 0.22 -8.79 -23.13
C2 PLP C . -0.97 -9.34 -22.75
C2A PLP C . -1.64 -10.33 -23.65
C3 PLP C . -1.51 -9.00 -21.52
O3 PLP C . -2.70 -9.56 -21.13
C4 PLP C . -0.85 -8.10 -20.69
C4A PLP C . -1.35 -7.85 -19.29
C5 PLP C . 0.35 -7.53 -21.10
C6 PLP C . 0.86 -7.89 -22.33
C5A PLP C . 1.10 -6.54 -20.24
O4P PLP C . 1.52 -7.09 -19.00
P PLP C . 1.93 -6.09 -17.83
O1P PLP C . 2.95 -5.10 -18.40
O2P PLP C . 2.51 -6.85 -16.67
O3P PLP C . 0.70 -5.32 -17.42
MG MG D . 2.29 2.28 -21.48
N1 PLP E . -4.64 11.58 21.44
C2 PLP E . -4.33 12.69 20.70
C2A PLP E . -4.16 13.99 21.43
C3 PLP E . -4.18 12.58 19.31
O3 PLP E . -3.86 13.69 18.56
C4 PLP E . -4.34 11.33 18.71
C4A PLP E . -3.97 11.13 17.27
C5 PLP E . -4.66 10.22 19.47
C6 PLP E . -4.81 10.35 20.84
C5A PLP E . -4.86 8.86 18.81
O4P PLP E . -3.67 8.38 18.22
P PLP E . -3.77 7.17 17.16
O1P PLP E . -2.39 6.69 16.81
O2P PLP E . -4.54 7.67 15.97
O3P PLP E . -4.60 6.08 17.85
MG MG F . -12.44 4.16 17.60
#